data_6OTB
#
_entry.id   6OTB
#
_entity_poly.entity_id   1
_entity_poly.type   'polypeptide(L)'
_entity_poly.pdbx_seq_one_letter_code
;GCCCNPACGPNYGCGTSCS
;
_entity_poly.pdbx_strand_id   A
#
# COMPACT_ATOMS: atom_id res chain seq x y z
N GLY A 1 6.91 4.56 1.34
CA GLY A 1 7.04 4.16 -0.05
C GLY A 1 5.69 3.79 -0.66
N CYS A 2 5.44 2.50 -0.81
CA CYS A 2 4.20 2.02 -1.39
C CYS A 2 3.10 1.97 -0.34
N CYS A 3 1.92 2.47 -0.69
CA CYS A 3 0.78 2.47 0.22
C CYS A 3 0.39 1.05 0.61
N CYS A 4 -0.06 0.88 1.85
CA CYS A 4 -0.46 -0.43 2.35
C CYS A 4 -1.75 -0.33 3.17
N ASN A 5 -1.84 0.71 3.99
CA ASN A 5 -3.01 0.92 4.83
C ASN A 5 -4.20 1.37 3.98
N PRO A 6 -5.42 1.14 4.51
CA PRO A 6 -6.65 1.52 3.82
C PRO A 6 -6.86 3.03 3.78
N ALA A 7 -6.42 3.71 4.83
CA ALA A 7 -6.56 5.16 4.90
C ALA A 7 -6.00 5.83 3.66
N CYS A 8 -4.94 5.26 3.11
CA CYS A 8 -4.32 5.80 1.91
C CYS A 8 -5.33 5.97 0.78
N GLY A 9 -6.20 4.97 0.64
CA GLY A 9 -7.22 5.02 -0.40
C GLY A 9 -7.99 3.73 -0.52
N PRO A 10 -8.72 3.56 -1.64
CA PRO A 10 -9.52 2.36 -1.89
C PRO A 10 -8.65 1.14 -2.17
N ASN A 11 -7.49 1.36 -2.78
CA ASN A 11 -6.58 0.27 -3.09
C ASN A 11 -5.14 0.67 -2.80
N TYR A 12 -4.39 -0.22 -2.18
CA TYR A 12 -2.99 0.05 -1.85
C TYR A 12 -2.07 -0.98 -2.52
N GLY A 13 -2.54 -2.21 -2.61
CA GLY A 13 -1.75 -3.26 -3.22
C GLY A 13 -0.34 -3.34 -2.65
N CYS A 14 -0.26 -3.43 -1.33
CA CYS A 14 1.04 -3.52 -0.66
C CYS A 14 1.83 -4.72 -1.15
N GLY A 15 3.08 -4.48 -1.55
CA GLY A 15 3.93 -5.55 -2.03
C GLY A 15 4.96 -5.99 -1.01
N THR A 16 5.44 -7.22 -1.14
CA THR A 16 6.42 -7.76 -0.22
C THR A 16 7.74 -6.99 -0.33
N SER A 17 8.14 -6.67 -1.55
CA SER A 17 9.38 -5.94 -1.79
C SER A 17 9.23 -4.48 -1.38
N CYS A 18 8.05 -3.92 -1.61
CA CYS A 18 7.78 -2.53 -1.27
C CYS A 18 6.81 -2.43 -0.09
N SER A 19 7.20 -3.02 1.04
CA SER A 19 6.36 -3.01 2.23
C SER A 19 6.50 -1.68 2.97
N GLY A 1 6.83 5.57 0.92
CA GLY A 1 6.94 4.33 0.17
C GLY A 1 5.63 3.91 -0.45
N CYS A 2 5.47 2.61 -0.69
CA CYS A 2 4.26 2.08 -1.27
C CYS A 2 3.13 2.02 -0.25
N CYS A 3 1.95 2.48 -0.65
CA CYS A 3 0.79 2.49 0.24
C CYS A 3 0.40 1.06 0.61
N CYS A 4 -0.04 0.89 1.86
CA CYS A 4 -0.45 -0.42 2.34
C CYS A 4 -1.74 -0.32 3.16
N ASN A 5 -1.82 0.71 4.00
CA ASN A 5 -3.01 0.92 4.83
C ASN A 5 -4.19 1.37 3.98
N PRO A 6 -5.40 1.14 4.51
CA PRO A 6 -6.65 1.51 3.83
C PRO A 6 -6.86 3.03 3.78
N ALA A 7 -6.42 3.71 4.83
CA ALA A 7 -6.55 5.16 4.91
C ALA A 7 -6.00 5.83 3.66
N CYS A 8 -4.94 5.26 3.11
CA CYS A 8 -4.31 5.80 1.92
C CYS A 8 -5.33 5.96 0.79
N GLY A 9 -6.20 4.97 0.64
CA GLY A 9 -7.21 5.03 -0.40
C GLY A 9 -7.99 3.73 -0.52
N PRO A 10 -8.72 3.57 -1.63
CA PRO A 10 -9.53 2.38 -1.89
C PRO A 10 -8.67 1.15 -2.17
N ASN A 11 -7.50 1.37 -2.77
CA ASN A 11 -6.58 0.28 -3.08
C ASN A 11 -5.14 0.68 -2.81
N TYR A 12 -4.39 -0.22 -2.19
CA TYR A 12 -2.99 0.04 -1.86
C TYR A 12 -2.07 -0.97 -2.54
N GLY A 13 -2.55 -2.22 -2.63
CA GLY A 13 -1.75 -3.27 -3.25
C GLY A 13 -0.36 -3.35 -2.68
N CYS A 14 -0.25 -3.44 -1.36
CA CYS A 14 1.04 -3.52 -0.70
C CYS A 14 1.82 -4.74 -1.18
N GLY A 15 2.96 -4.49 -1.81
CA GLY A 15 3.78 -5.58 -2.31
C GLY A 15 5.00 -5.83 -1.44
N THR A 16 5.50 -7.06 -1.48
CA THR A 16 6.67 -7.43 -0.69
C THR A 16 7.93 -6.73 -1.21
N SER A 17 8.02 -6.61 -2.52
CA SER A 17 9.18 -5.97 -3.14
C SER A 17 9.01 -4.44 -3.15
N CYS A 18 7.78 -4.00 -3.36
CA CYS A 18 7.48 -2.57 -3.40
C CYS A 18 7.98 -1.88 -2.14
N SER A 19 8.86 -0.90 -2.31
CA SER A 19 9.41 -0.15 -1.18
C SER A 19 9.20 1.35 -1.36
N GLY A 1 7.21 5.51 0.43
CA GLY A 1 7.04 4.08 0.18
C GLY A 1 5.71 3.75 -0.47
N CYS A 2 5.48 2.47 -0.71
CA CYS A 2 4.24 2.03 -1.32
C CYS A 2 3.11 1.95 -0.29
N CYS A 3 1.95 2.50 -0.65
CA CYS A 3 0.80 2.49 0.24
C CYS A 3 0.41 1.07 0.62
N CYS A 4 -0.05 0.90 1.86
CA CYS A 4 -0.45 -0.41 2.35
C CYS A 4 -1.73 -0.32 3.16
N ASN A 5 -1.82 0.71 4.00
CA ASN A 5 -3.00 0.93 4.83
C ASN A 5 -4.19 1.37 3.98
N PRO A 6 -5.40 1.14 4.51
CA PRO A 6 -6.65 1.51 3.82
C PRO A 6 -6.86 3.02 3.77
N ALA A 7 -6.43 3.70 4.83
CA ALA A 7 -6.56 5.15 4.91
C ALA A 7 -6.01 5.82 3.66
N CYS A 8 -4.95 5.25 3.11
CA CYS A 8 -4.31 5.80 1.92
C CYS A 8 -5.33 5.97 0.80
N GLY A 9 -6.20 4.97 0.63
CA GLY A 9 -7.22 5.03 -0.40
C GLY A 9 -7.99 3.73 -0.52
N PRO A 10 -8.72 3.58 -1.64
CA PRO A 10 -9.52 2.39 -1.90
C PRO A 10 -8.67 1.15 -2.17
N ASN A 11 -7.50 1.37 -2.77
CA ASN A 11 -6.59 0.27 -3.08
C ASN A 11 -5.15 0.68 -2.81
N TYR A 12 -4.39 -0.22 -2.19
CA TYR A 12 -2.99 0.04 -1.86
C TYR A 12 -2.08 -0.98 -2.54
N GLY A 13 -2.54 -2.22 -2.63
CA GLY A 13 -1.76 -3.27 -3.25
C GLY A 13 -0.36 -3.36 -2.68
N CYS A 14 -0.26 -3.45 -1.36
CA CYS A 14 1.04 -3.53 -0.69
C CYS A 14 1.81 -4.75 -1.17
N GLY A 15 2.96 -4.51 -1.79
CA GLY A 15 3.78 -5.60 -2.29
C GLY A 15 4.99 -5.86 -1.41
N THR A 16 5.52 -7.09 -1.46
CA THR A 16 6.68 -7.46 -0.67
C THR A 16 7.92 -6.75 -1.16
N SER A 17 8.05 -6.61 -2.48
CA SER A 17 9.20 -5.95 -3.08
C SER A 17 9.01 -4.44 -3.11
N CYS A 18 7.78 -4.01 -3.34
CA CYS A 18 7.46 -2.59 -3.39
C CYS A 18 7.88 -1.89 -2.11
N SER A 19 8.87 -1.00 -2.22
CA SER A 19 9.37 -0.26 -1.07
C SER A 19 9.48 1.23 -1.38
N GLY A 1 6.94 5.81 -0.14
CA GLY A 1 6.90 4.38 -0.35
C GLY A 1 5.58 3.90 -0.91
N CYS A 2 5.39 2.59 -0.97
CA CYS A 2 4.16 2.01 -1.49
C CYS A 2 3.08 1.94 -0.41
N CYS A 3 1.90 2.47 -0.72
CA CYS A 3 0.79 2.47 0.22
C CYS A 3 0.41 1.04 0.61
N CYS A 4 -0.06 0.88 1.85
CA CYS A 4 -0.46 -0.43 2.34
C CYS A 4 -1.74 -0.34 3.15
N ASN A 5 -1.84 0.70 3.98
CA ASN A 5 -3.01 0.91 4.82
C ASN A 5 -4.20 1.37 3.97
N PRO A 6 -5.42 1.14 4.49
CA PRO A 6 -6.66 1.52 3.81
C PRO A 6 -6.86 3.03 3.77
N ALA A 7 -6.42 3.70 4.83
CA ALA A 7 -6.55 5.15 4.92
C ALA A 7 -6.00 5.83 3.67
N CYS A 8 -4.94 5.26 3.11
CA CYS A 8 -4.31 5.81 1.91
C CYS A 8 -5.34 5.97 0.79
N GLY A 9 -6.20 4.98 0.65
CA GLY A 9 -7.22 5.02 -0.40
C GLY A 9 -7.99 3.73 -0.51
N PRO A 10 -8.72 3.57 -1.63
CA PRO A 10 -9.52 2.36 -1.88
C PRO A 10 -8.65 1.14 -2.17
N ASN A 11 -7.50 1.37 -2.78
CA ASN A 11 -6.58 0.29 -3.10
C ASN A 11 -5.14 0.69 -2.82
N TYR A 12 -4.39 -0.21 -2.19
CA TYR A 12 -3.00 0.05 -1.86
C TYR A 12 -2.08 -0.97 -2.52
N GLY A 13 -2.55 -2.21 -2.61
CA GLY A 13 -1.76 -3.26 -3.23
C GLY A 13 -0.36 -3.34 -2.65
N CYS A 14 -0.27 -3.43 -1.33
CA CYS A 14 1.02 -3.52 -0.66
C CYS A 14 1.82 -4.71 -1.15
N GLY A 15 2.99 -4.44 -1.72
CA GLY A 15 3.83 -5.50 -2.23
C GLY A 15 5.02 -5.78 -1.33
N THR A 16 5.53 -7.01 -1.39
CA THR A 16 6.66 -7.42 -0.57
C THR A 16 7.98 -6.91 -1.17
N SER A 17 8.06 -6.94 -2.49
CA SER A 17 9.26 -6.49 -3.19
C SER A 17 9.57 -5.03 -2.85
N CYS A 18 8.52 -4.23 -2.71
CA CYS A 18 8.66 -2.82 -2.40
C CYS A 18 9.28 -2.63 -1.01
N SER A 19 8.86 -3.46 -0.06
CA SER A 19 9.37 -3.38 1.30
C SER A 19 10.89 -3.49 1.32
N GLY A 1 7.36 4.66 1.18
CA GLY A 1 7.21 3.50 0.33
C GLY A 1 5.82 3.40 -0.29
N CYS A 2 5.50 2.23 -0.81
CA CYS A 2 4.19 2.01 -1.43
C CYS A 2 3.10 1.92 -0.38
N CYS A 3 1.94 2.50 -0.69
CA CYS A 3 0.81 2.50 0.24
C CYS A 3 0.43 1.07 0.61
N CYS A 4 -0.04 0.91 1.85
CA CYS A 4 -0.44 -0.41 2.34
C CYS A 4 -1.72 -0.32 3.16
N ASN A 5 -1.82 0.71 3.98
CA ASN A 5 -3.00 0.92 4.82
C ASN A 5 -4.19 1.37 3.98
N PRO A 6 -5.40 1.14 4.50
CA PRO A 6 -6.65 1.50 3.81
C PRO A 6 -6.86 3.02 3.77
N ALA A 7 -6.43 3.69 4.83
CA ALA A 7 -6.57 5.14 4.92
C ALA A 7 -6.01 5.82 3.66
N CYS A 8 -4.95 5.25 3.11
CA CYS A 8 -4.32 5.80 1.92
C CYS A 8 -5.34 5.97 0.80
N GLY A 9 -6.20 4.97 0.63
CA GLY A 9 -7.22 5.03 -0.40
C GLY A 9 -8.00 3.74 -0.53
N PRO A 10 -8.72 3.58 -1.64
CA PRO A 10 -9.52 2.39 -1.90
C PRO A 10 -8.67 1.15 -2.17
N ASN A 11 -7.50 1.37 -2.78
CA ASN A 11 -6.59 0.28 -3.09
C ASN A 11 -5.14 0.68 -2.81
N TYR A 12 -4.40 -0.23 -2.18
CA TYR A 12 -3.00 0.03 -1.86
C TYR A 12 -2.08 -0.98 -2.53
N GLY A 13 -2.56 -2.22 -2.62
CA GLY A 13 -1.77 -3.27 -3.24
C GLY A 13 -0.36 -3.36 -2.68
N CYS A 14 -0.26 -3.45 -1.35
CA CYS A 14 1.02 -3.53 -0.68
C CYS A 14 1.80 -4.76 -1.16
N GLY A 15 2.95 -4.51 -1.78
CA GLY A 15 3.78 -5.60 -2.28
C GLY A 15 4.97 -5.88 -1.40
N THR A 16 5.52 -7.08 -1.51
CA THR A 16 6.67 -7.47 -0.71
C THR A 16 7.91 -6.66 -1.08
N SER A 17 8.11 -6.46 -2.38
CA SER A 17 9.26 -5.71 -2.87
C SER A 17 9.22 -4.27 -2.36
N CYS A 18 8.02 -3.72 -2.27
CA CYS A 18 7.84 -2.35 -1.79
C CYS A 18 8.18 -2.23 -0.31
N SER A 19 7.70 -3.20 0.48
CA SER A 19 7.95 -3.21 1.92
C SER A 19 9.14 -4.10 2.25
N GLY A 1 8.31 3.90 0.60
CA GLY A 1 7.45 2.74 0.66
C GLY A 1 6.10 2.97 0.01
N CYS A 2 5.55 1.93 -0.61
CA CYS A 2 4.26 2.03 -1.27
C CYS A 2 3.12 1.97 -0.26
N CYS A 3 1.96 2.50 -0.63
CA CYS A 3 0.80 2.50 0.25
C CYS A 3 0.41 1.07 0.62
N CYS A 4 -0.04 0.89 1.87
CA CYS A 4 -0.44 -0.42 2.36
C CYS A 4 -1.74 -0.31 3.17
N ASN A 5 -1.83 0.72 4.00
CA ASN A 5 -3.00 0.93 4.83
C ASN A 5 -4.19 1.38 4.00
N PRO A 6 -5.40 1.14 4.51
CA PRO A 6 -6.65 1.51 3.83
C PRO A 6 -6.86 3.02 3.77
N ALA A 7 -6.43 3.70 4.83
CA ALA A 7 -6.57 5.16 4.91
C ALA A 7 -6.01 5.82 3.66
N CYS A 8 -4.95 5.25 3.11
CA CYS A 8 -4.31 5.80 1.92
C CYS A 8 -5.33 5.96 0.79
N GLY A 9 -6.20 4.97 0.64
CA GLY A 9 -7.22 5.03 -0.40
C GLY A 9 -7.99 3.73 -0.52
N PRO A 10 -8.72 3.58 -1.65
CA PRO A 10 -9.53 2.38 -1.90
C PRO A 10 -8.67 1.15 -2.17
N ASN A 11 -7.51 1.36 -2.77
CA ASN A 11 -6.59 0.27 -3.08
C ASN A 11 -5.14 0.67 -2.80
N TYR A 12 -4.39 -0.22 -2.19
CA TYR A 12 -2.99 0.04 -1.87
C TYR A 12 -2.07 -0.97 -2.54
N GLY A 13 -2.55 -2.22 -2.63
CA GLY A 13 -1.76 -3.27 -3.26
C GLY A 13 -0.35 -3.35 -2.69
N CYS A 14 -0.25 -3.45 -1.37
CA CYS A 14 1.04 -3.53 -0.71
C CYS A 14 1.81 -4.77 -1.17
N GLY A 15 2.97 -4.53 -1.78
CA GLY A 15 3.78 -5.63 -2.27
C GLY A 15 4.96 -5.93 -1.35
N THR A 16 5.65 -7.03 -1.62
CA THR A 16 6.79 -7.44 -0.81
C THR A 16 7.99 -6.52 -1.07
N SER A 17 8.23 -6.22 -2.34
CA SER A 17 9.35 -5.36 -2.72
C SER A 17 9.12 -3.93 -2.24
N CYS A 18 7.87 -3.49 -2.27
CA CYS A 18 7.50 -2.15 -1.85
C CYS A 18 7.76 -1.97 -0.36
N SER A 19 7.37 -2.97 0.42
CA SER A 19 7.55 -2.92 1.88
C SER A 19 9.00 -3.26 2.25
N GLY A 1 7.07 6.06 -1.66
CA GLY A 1 6.28 5.67 -0.51
C GLY A 1 5.11 4.78 -0.88
N CYS A 2 5.35 3.47 -0.88
CA CYS A 2 4.32 2.51 -1.22
C CYS A 2 3.20 2.49 -0.18
N CYS A 3 1.96 2.51 -0.64
CA CYS A 3 0.81 2.51 0.24
C CYS A 3 0.41 1.08 0.62
N CYS A 4 -0.04 0.90 1.86
CA CYS A 4 -0.44 -0.41 2.35
C CYS A 4 -1.72 -0.31 3.16
N ASN A 5 -1.81 0.72 4.00
CA ASN A 5 -3.00 0.92 4.82
C ASN A 5 -4.19 1.37 3.99
N PRO A 6 -5.40 1.13 4.51
CA PRO A 6 -6.64 1.51 3.82
C PRO A 6 -6.86 3.02 3.77
N ALA A 7 -6.43 3.70 4.83
CA ALA A 7 -6.56 5.15 4.91
C ALA A 7 -6.01 5.82 3.66
N CYS A 8 -4.95 5.25 3.11
CA CYS A 8 -4.31 5.80 1.92
C CYS A 8 -5.33 5.97 0.80
N GLY A 9 -6.20 4.97 0.63
CA GLY A 9 -7.22 5.03 -0.40
C GLY A 9 -8.00 3.74 -0.53
N PRO A 10 -8.72 3.58 -1.64
CA PRO A 10 -9.53 2.38 -1.90
C PRO A 10 -8.67 1.15 -2.17
N ASN A 11 -7.50 1.37 -2.77
CA ASN A 11 -6.59 0.27 -3.08
C ASN A 11 -5.15 0.68 -2.81
N TYR A 12 -4.39 -0.22 -2.19
CA TYR A 12 -3.00 0.03 -1.86
C TYR A 12 -2.08 -0.98 -2.53
N GLY A 13 -2.54 -2.22 -2.63
CA GLY A 13 -1.76 -3.27 -3.25
C GLY A 13 -0.36 -3.36 -2.68
N CYS A 14 -0.26 -3.45 -1.36
CA CYS A 14 1.03 -3.54 -0.69
C CYS A 14 1.81 -4.76 -1.16
N GLY A 15 2.97 -4.53 -1.76
CA GLY A 15 3.79 -5.62 -2.24
C GLY A 15 4.94 -5.94 -1.30
N THR A 16 5.63 -7.06 -1.57
CA THR A 16 6.75 -7.48 -0.74
C THR A 16 7.98 -6.62 -1.01
N SER A 17 8.23 -6.33 -2.28
CA SER A 17 9.38 -5.52 -2.67
C SER A 17 9.35 -4.17 -1.98
N CYS A 18 8.14 -3.62 -1.81
CA CYS A 18 7.97 -2.32 -1.16
C CYS A 18 8.22 -2.43 0.33
N SER A 19 8.60 -1.32 0.96
CA SER A 19 8.87 -1.28 2.38
C SER A 19 8.47 0.06 2.99
N GLY A 1 6.71 5.80 0.84
CA GLY A 1 6.82 4.49 0.23
C GLY A 1 5.49 4.00 -0.33
N CYS A 2 5.47 2.75 -0.75
CA CYS A 2 4.26 2.15 -1.31
C CYS A 2 3.15 2.10 -0.26
N CYS A 3 1.94 2.49 -0.67
CA CYS A 3 0.79 2.48 0.23
C CYS A 3 0.41 1.07 0.61
N CYS A 4 -0.05 0.90 1.86
CA CYS A 4 -0.45 -0.41 2.35
C CYS A 4 -1.73 -0.32 3.16
N ASN A 5 -1.83 0.72 3.99
CA ASN A 5 -3.00 0.93 4.83
C ASN A 5 -4.19 1.37 3.98
N PRO A 6 -5.40 1.14 4.51
CA PRO A 6 -6.65 1.51 3.82
C PRO A 6 -6.86 3.02 3.77
N ALA A 7 -6.43 3.70 4.83
CA ALA A 7 -6.56 5.15 4.91
C ALA A 7 -6.01 5.82 3.66
N CYS A 8 -4.95 5.25 3.11
CA CYS A 8 -4.31 5.80 1.92
C CYS A 8 -5.33 5.97 0.80
N GLY A 9 -6.20 4.97 0.63
CA GLY A 9 -7.22 5.03 -0.40
C GLY A 9 -8.00 3.74 -0.53
N PRO A 10 -8.72 3.58 -1.65
CA PRO A 10 -9.52 2.39 -1.90
C PRO A 10 -8.67 1.15 -2.17
N ASN A 11 -7.50 1.37 -2.77
CA ASN A 11 -6.58 0.28 -3.08
C ASN A 11 -5.14 0.67 -2.80
N TYR A 12 -4.39 -0.22 -2.19
CA TYR A 12 -2.99 0.04 -1.86
C TYR A 12 -2.07 -0.98 -2.53
N GLY A 13 -2.55 -2.22 -2.62
CA GLY A 13 -1.75 -3.27 -3.25
C GLY A 13 -0.35 -3.35 -2.68
N CYS A 14 -0.25 -3.45 -1.36
CA CYS A 14 1.04 -3.53 -0.69
C CYS A 14 1.81 -4.75 -1.16
N GLY A 15 3.01 -4.52 -1.70
CA GLY A 15 3.84 -5.61 -2.18
C GLY A 15 4.98 -5.93 -1.25
N THR A 16 5.57 -7.11 -1.43
CA THR A 16 6.68 -7.53 -0.59
C THR A 16 7.97 -6.79 -0.96
N SER A 17 8.21 -6.65 -2.26
CA SER A 17 9.40 -5.96 -2.73
C SER A 17 9.43 -4.52 -2.24
N CYS A 18 8.26 -3.90 -2.17
CA CYS A 18 8.16 -2.52 -1.72
C CYS A 18 7.65 -2.46 -0.28
N SER A 19 8.50 -2.00 0.63
CA SER A 19 8.13 -1.90 2.04
C SER A 19 7.77 -0.46 2.39
N GLY A 1 6.35 6.14 0.36
CA GLY A 1 6.60 4.93 -0.40
C GLY A 1 5.31 4.25 -0.86
N CYS A 2 5.37 2.95 -1.04
CA CYS A 2 4.20 2.18 -1.48
C CYS A 2 3.14 2.12 -0.38
N CYS A 3 1.91 2.50 -0.73
CA CYS A 3 0.81 2.49 0.23
C CYS A 3 0.44 1.07 0.61
N CYS A 4 -0.05 0.90 1.84
CA CYS A 4 -0.44 -0.42 2.33
C CYS A 4 -1.73 -0.32 3.14
N ASN A 5 -1.83 0.70 3.98
CA ASN A 5 -3.01 0.90 4.81
C ASN A 5 -4.20 1.36 3.96
N PRO A 6 -5.41 1.12 4.48
CA PRO A 6 -6.65 1.51 3.79
C PRO A 6 -6.85 3.01 3.76
N ALA A 7 -6.42 3.69 4.83
CA ALA A 7 -6.55 5.13 4.92
C ALA A 7 -6.00 5.82 3.68
N CYS A 8 -4.94 5.26 3.11
CA CYS A 8 -4.32 5.81 1.92
C CYS A 8 -5.34 5.98 0.80
N GLY A 9 -6.20 4.97 0.64
CA GLY A 9 -7.21 5.03 -0.40
C GLY A 9 -7.99 3.73 -0.52
N PRO A 10 -8.72 3.57 -1.63
CA PRO A 10 -9.53 2.37 -1.89
C PRO A 10 -8.67 1.15 -2.17
N ASN A 11 -7.50 1.38 -2.79
CA ASN A 11 -6.59 0.29 -3.11
C ASN A 11 -5.14 0.69 -2.82
N TYR A 12 -4.40 -0.22 -2.19
CA TYR A 12 -3.00 0.05 -1.86
C TYR A 12 -2.08 -0.98 -2.51
N GLY A 13 -2.56 -2.22 -2.61
CA GLY A 13 -1.77 -3.26 -3.22
C GLY A 13 -0.37 -3.35 -2.64
N CYS A 14 -0.29 -3.44 -1.32
CA CYS A 14 1.00 -3.53 -0.65
C CYS A 14 1.80 -4.73 -1.15
N GLY A 15 2.97 -4.46 -1.72
CA GLY A 15 3.81 -5.52 -2.23
C GLY A 15 5.01 -5.80 -1.34
N THR A 16 5.40 -7.06 -1.25
CA THR A 16 6.53 -7.46 -0.43
C THR A 16 7.82 -6.79 -0.90
N SER A 17 7.95 -6.63 -2.21
CA SER A 17 9.13 -6.01 -2.80
C SER A 17 9.00 -4.49 -2.82
N CYS A 18 7.77 -4.02 -3.05
CA CYS A 18 7.51 -2.58 -3.10
C CYS A 18 7.97 -1.91 -1.82
N SER A 19 7.52 -2.41 -0.68
CA SER A 19 7.87 -1.86 0.62
C SER A 19 9.35 -2.11 0.92
N GLY A 1 7.11 6.04 0.65
CA GLY A 1 7.03 4.62 0.32
C GLY A 1 5.68 4.23 -0.24
N CYS A 2 5.57 2.98 -0.67
CA CYS A 2 4.31 2.47 -1.24
C CYS A 2 3.21 2.47 -0.19
N CYS A 3 1.96 2.52 -0.65
CA CYS A 3 0.82 2.51 0.26
C CYS A 3 0.42 1.09 0.63
N CYS A 4 -0.03 0.91 1.86
CA CYS A 4 -0.44 -0.41 2.35
C CYS A 4 -1.72 -0.31 3.16
N ASN A 5 -1.81 0.72 4.00
CA ASN A 5 -3.00 0.93 4.83
C ASN A 5 -4.19 1.37 3.99
N PRO A 6 -5.40 1.13 4.51
CA PRO A 6 -6.65 1.50 3.81
C PRO A 6 -6.85 3.01 3.78
N ALA A 7 -6.43 3.69 4.83
CA ALA A 7 -6.57 5.15 4.91
C ALA A 7 -6.01 5.82 3.66
N CYS A 8 -4.95 5.25 3.11
CA CYS A 8 -4.32 5.80 1.92
C CYS A 8 -5.34 5.98 0.80
N GLY A 9 -6.20 4.97 0.63
CA GLY A 9 -7.22 5.03 -0.41
C GLY A 9 -8.00 3.74 -0.53
N PRO A 10 -8.72 3.58 -1.65
CA PRO A 10 -9.52 2.39 -1.90
C PRO A 10 -8.67 1.15 -2.17
N ASN A 11 -7.50 1.37 -2.77
CA ASN A 11 -6.59 0.27 -3.08
C ASN A 11 -5.15 0.68 -2.81
N TYR A 12 -4.40 -0.23 -2.18
CA TYR A 12 -3.00 0.03 -1.86
C TYR A 12 -2.08 -0.98 -2.53
N GLY A 13 -2.55 -2.23 -2.62
CA GLY A 13 -1.76 -3.28 -3.25
C GLY A 13 -0.36 -3.36 -2.68
N CYS A 14 -0.26 -3.45 -1.37
CA CYS A 14 1.03 -3.54 -0.70
C CYS A 14 1.80 -4.77 -1.16
N GLY A 15 2.97 -4.55 -1.74
CA GLY A 15 3.79 -5.65 -2.23
C GLY A 15 4.95 -5.95 -1.31
N THR A 16 5.56 -7.12 -1.48
CA THR A 16 6.70 -7.52 -0.67
C THR A 16 7.95 -6.74 -1.03
N SER A 17 8.14 -6.50 -2.32
CA SER A 17 9.30 -5.75 -2.81
C SER A 17 9.36 -4.37 -2.17
N CYS A 18 8.20 -3.76 -1.96
CA CYS A 18 8.12 -2.43 -1.36
C CYS A 18 7.70 -2.52 0.10
N SER A 19 7.93 -1.44 0.84
CA SER A 19 7.59 -1.41 2.26
C SER A 19 6.11 -1.06 2.45
N GLY A 1 6.44 6.80 -0.32
CA GLY A 1 6.62 5.36 -0.30
C GLY A 1 5.39 4.61 -0.79
N CYS A 2 5.45 3.28 -0.73
CA CYS A 2 4.34 2.45 -1.18
C CYS A 2 3.21 2.44 -0.14
N CYS A 3 1.98 2.52 -0.62
CA CYS A 3 0.82 2.51 0.26
C CYS A 3 0.42 1.09 0.63
N CYS A 4 -0.03 0.91 1.87
CA CYS A 4 -0.44 -0.40 2.35
C CYS A 4 -1.73 -0.31 3.17
N ASN A 5 -1.82 0.72 4.00
CA ASN A 5 -3.00 0.92 4.84
C ASN A 5 -4.19 1.37 3.99
N PRO A 6 -5.40 1.14 4.51
CA PRO A 6 -6.64 1.50 3.83
C PRO A 6 -6.85 3.01 3.78
N ALA A 7 -6.43 3.70 4.83
CA ALA A 7 -6.57 5.15 4.91
C ALA A 7 -6.01 5.82 3.66
N CYS A 8 -4.95 5.25 3.11
CA CYS A 8 -4.31 5.80 1.92
C CYS A 8 -5.33 5.97 0.80
N GLY A 9 -6.20 4.97 0.63
CA GLY A 9 -7.22 5.03 -0.41
C GLY A 9 -8.00 3.74 -0.53
N PRO A 10 -8.72 3.58 -1.65
CA PRO A 10 -9.52 2.39 -1.90
C PRO A 10 -8.67 1.15 -2.17
N ASN A 11 -7.51 1.36 -2.77
CA ASN A 11 -6.59 0.27 -3.08
C ASN A 11 -5.14 0.67 -2.80
N TYR A 12 -4.40 -0.23 -2.18
CA TYR A 12 -3.00 0.03 -1.86
C TYR A 12 -2.08 -0.98 -2.55
N GLY A 13 -2.56 -2.22 -2.63
CA GLY A 13 -1.76 -3.27 -3.26
C GLY A 13 -0.36 -3.36 -2.69
N CYS A 14 -0.26 -3.45 -1.37
CA CYS A 14 1.04 -3.53 -0.70
C CYS A 14 1.80 -4.77 -1.17
N GLY A 15 2.96 -4.56 -1.77
CA GLY A 15 3.77 -5.66 -2.25
C GLY A 15 4.93 -5.98 -1.33
N THR A 16 5.52 -7.15 -1.50
CA THR A 16 6.65 -7.58 -0.67
C THR A 16 7.89 -6.74 -0.96
N SER A 17 8.13 -6.45 -2.24
CA SER A 17 9.28 -5.66 -2.64
C SER A 17 9.27 -4.29 -1.96
N CYS A 18 8.07 -3.73 -1.80
CA CYS A 18 7.92 -2.42 -1.17
C CYS A 18 8.11 -2.54 0.34
N SER A 19 8.23 -1.38 1.00
CA SER A 19 8.42 -1.35 2.45
C SER A 19 9.70 -2.07 2.84
N GLY A 1 7.52 5.32 0.85
CA GLY A 1 7.24 3.94 0.50
C GLY A 1 5.88 3.77 -0.13
N CYS A 2 5.58 2.56 -0.60
CA CYS A 2 4.30 2.26 -1.23
C CYS A 2 3.18 2.24 -0.19
N CYS A 3 1.95 2.49 -0.64
CA CYS A 3 0.80 2.49 0.24
C CYS A 3 0.41 1.07 0.62
N CYS A 4 -0.04 0.89 1.87
CA CYS A 4 -0.45 -0.41 2.35
C CYS A 4 -1.73 -0.32 3.16
N ASN A 5 -1.83 0.72 4.00
CA ASN A 5 -3.00 0.93 4.83
C ASN A 5 -4.19 1.37 3.99
N PRO A 6 -5.40 1.14 4.51
CA PRO A 6 -6.65 1.51 3.83
C PRO A 6 -6.86 3.02 3.77
N ALA A 7 -6.43 3.70 4.83
CA ALA A 7 -6.57 5.16 4.91
C ALA A 7 -6.01 5.82 3.66
N CYS A 8 -4.95 5.25 3.11
CA CYS A 8 -4.31 5.80 1.92
C CYS A 8 -5.33 5.97 0.80
N GLY A 9 -6.20 4.97 0.63
CA GLY A 9 -7.22 5.03 -0.40
C GLY A 9 -8.00 3.74 -0.53
N PRO A 10 -8.72 3.58 -1.65
CA PRO A 10 -9.53 2.38 -1.90
C PRO A 10 -8.67 1.15 -2.17
N ASN A 11 -7.50 1.37 -2.77
CA ASN A 11 -6.59 0.27 -3.08
C ASN A 11 -5.14 0.67 -2.80
N TYR A 12 -4.39 -0.22 -2.19
CA TYR A 12 -2.99 0.04 -1.87
C TYR A 12 -2.07 -0.97 -2.54
N GLY A 13 -2.54 -2.22 -2.63
CA GLY A 13 -1.76 -3.26 -3.25
C GLY A 13 -0.35 -3.35 -2.69
N CYS A 14 -0.25 -3.45 -1.37
CA CYS A 14 1.04 -3.53 -0.71
C CYS A 14 1.82 -4.76 -1.17
N GLY A 15 2.98 -4.53 -1.77
CA GLY A 15 3.79 -5.62 -2.25
C GLY A 15 4.98 -5.91 -1.36
N THR A 16 5.65 -7.03 -1.59
CA THR A 16 6.80 -7.41 -0.80
C THR A 16 8.01 -6.54 -1.11
N SER A 17 8.27 -6.35 -2.40
CA SER A 17 9.39 -5.53 -2.84
C SER A 17 9.28 -4.11 -2.28
N CYS A 18 8.05 -3.61 -2.21
CA CYS A 18 7.81 -2.27 -1.70
C CYS A 18 8.17 -2.17 -0.22
N SER A 19 8.84 -1.09 0.15
CA SER A 19 9.26 -0.87 1.52
C SER A 19 8.05 -0.85 2.46
N GLY A 1 6.77 5.17 1.32
CA GLY A 1 6.95 4.34 0.15
C GLY A 1 5.64 3.92 -0.48
N CYS A 2 5.47 2.61 -0.69
CA CYS A 2 4.26 2.08 -1.29
C CYS A 2 3.13 2.01 -0.26
N CYS A 3 1.96 2.50 -0.64
CA CYS A 3 0.80 2.50 0.24
C CYS A 3 0.41 1.07 0.62
N CYS A 4 -0.04 0.90 1.86
CA CYS A 4 -0.45 -0.41 2.35
C CYS A 4 -1.73 -0.32 3.16
N ASN A 5 -1.83 0.72 4.00
CA ASN A 5 -3.00 0.93 4.83
C ASN A 5 -4.19 1.37 3.99
N PRO A 6 -5.40 1.14 4.51
CA PRO A 6 -6.65 1.51 3.82
C PRO A 6 -6.86 3.02 3.77
N ALA A 7 -6.43 3.70 4.83
CA ALA A 7 -6.56 5.15 4.91
C ALA A 7 -6.01 5.82 3.66
N CYS A 8 -4.95 5.25 3.11
CA CYS A 8 -4.31 5.80 1.92
C CYS A 8 -5.33 5.97 0.80
N GLY A 9 -6.20 4.97 0.63
CA GLY A 9 -7.22 5.03 -0.41
C GLY A 9 -8.00 3.74 -0.53
N PRO A 10 -8.72 3.58 -1.65
CA PRO A 10 -9.52 2.39 -1.90
C PRO A 10 -8.67 1.15 -2.17
N ASN A 11 -7.50 1.37 -2.77
CA ASN A 11 -6.59 0.27 -3.08
C ASN A 11 -5.14 0.67 -2.80
N TYR A 12 -4.39 -0.22 -2.19
CA TYR A 12 -2.99 0.03 -1.86
C TYR A 12 -2.07 -0.98 -2.53
N GLY A 13 -2.54 -2.22 -2.63
CA GLY A 13 -1.75 -3.27 -3.25
C GLY A 13 -0.35 -3.35 -2.68
N CYS A 14 -0.25 -3.44 -1.36
CA CYS A 14 1.04 -3.53 -0.69
C CYS A 14 1.81 -4.76 -1.16
N GLY A 15 3.00 -4.53 -1.71
CA GLY A 15 3.82 -5.62 -2.20
C GLY A 15 4.96 -5.95 -1.25
N THR A 16 5.60 -7.10 -1.48
CA THR A 16 6.72 -7.53 -0.64
C THR A 16 7.97 -6.72 -0.95
N SER A 17 8.19 -6.44 -2.23
CA SER A 17 9.36 -5.68 -2.66
C SER A 17 9.40 -4.31 -1.98
N CYS A 18 8.22 -3.73 -1.80
CA CYS A 18 8.12 -2.41 -1.17
C CYS A 18 8.36 -2.50 0.33
N SER A 19 8.78 -1.39 0.93
CA SER A 19 9.06 -1.36 2.37
C SER A 19 7.76 -1.41 3.17
N GLY A 1 7.38 6.00 -1.62
CA GLY A 1 6.56 5.52 -0.52
C GLY A 1 5.37 4.71 -1.00
N CYS A 2 5.42 3.40 -0.77
CA CYS A 2 4.34 2.51 -1.18
C CYS A 2 3.22 2.50 -0.14
N CYS A 3 1.97 2.52 -0.62
CA CYS A 3 0.81 2.52 0.26
C CYS A 3 0.42 1.09 0.63
N CYS A 4 -0.03 0.91 1.86
CA CYS A 4 -0.44 -0.40 2.35
C CYS A 4 -1.73 -0.31 3.17
N ASN A 5 -1.82 0.72 4.00
CA ASN A 5 -3.00 0.92 4.84
C ASN A 5 -4.19 1.37 3.99
N PRO A 6 -5.40 1.14 4.51
CA PRO A 6 -6.64 1.50 3.83
C PRO A 6 -6.85 3.01 3.78
N ALA A 7 -6.43 3.70 4.83
CA ALA A 7 -6.57 5.15 4.91
C ALA A 7 -6.01 5.82 3.66
N CYS A 8 -4.95 5.25 3.11
CA CYS A 8 -4.31 5.80 1.92
C CYS A 8 -5.33 5.97 0.80
N GLY A 9 -6.20 4.97 0.63
CA GLY A 9 -7.22 5.03 -0.41
C GLY A 9 -8.00 3.74 -0.53
N PRO A 10 -8.72 3.58 -1.65
CA PRO A 10 -9.52 2.39 -1.90
C PRO A 10 -8.67 1.15 -2.17
N ASN A 11 -7.51 1.36 -2.77
CA ASN A 11 -6.59 0.27 -3.08
C ASN A 11 -5.14 0.67 -2.80
N TYR A 12 -4.40 -0.23 -2.18
CA TYR A 12 -3.00 0.03 -1.86
C TYR A 12 -2.08 -0.98 -2.55
N GLY A 13 -2.56 -2.22 -2.63
CA GLY A 13 -1.76 -3.27 -3.26
C GLY A 13 -0.36 -3.36 -2.69
N CYS A 14 -0.26 -3.45 -1.37
CA CYS A 14 1.03 -3.54 -0.71
C CYS A 14 1.80 -4.78 -1.16
N GLY A 15 2.98 -4.56 -1.75
CA GLY A 15 3.79 -5.67 -2.21
C GLY A 15 4.96 -5.97 -1.29
N THR A 16 5.54 -7.16 -1.45
CA THR A 16 6.67 -7.57 -0.63
C THR A 16 7.90 -6.70 -0.90
N SER A 17 8.14 -6.42 -2.17
CA SER A 17 9.28 -5.61 -2.56
C SER A 17 9.21 -4.22 -1.93
N CYS A 18 7.99 -3.69 -1.81
CA CYS A 18 7.78 -2.38 -1.21
C CYS A 18 7.96 -2.43 0.30
N SER A 19 8.97 -1.72 0.81
CA SER A 19 9.23 -1.69 2.23
C SER A 19 8.28 -0.73 2.95
N GLY A 1 6.08 6.62 0.50
CA GLY A 1 6.44 5.45 -0.28
C GLY A 1 5.23 4.64 -0.72
N CYS A 2 5.41 3.33 -0.79
CA CYS A 2 4.32 2.44 -1.21
C CYS A 2 3.21 2.42 -0.16
N CYS A 3 1.97 2.52 -0.63
CA CYS A 3 0.81 2.52 0.26
C CYS A 3 0.43 1.10 0.63
N CYS A 4 -0.03 0.91 1.86
CA CYS A 4 -0.43 -0.40 2.35
C CYS A 4 -1.72 -0.31 3.16
N ASN A 5 -1.82 0.72 4.00
CA ASN A 5 -3.00 0.92 4.84
C ASN A 5 -4.19 1.37 3.99
N PRO A 6 -5.40 1.13 4.51
CA PRO A 6 -6.65 1.50 3.81
C PRO A 6 -6.85 3.01 3.78
N ALA A 7 -6.43 3.69 4.83
CA ALA A 7 -6.57 5.15 4.91
C ALA A 7 -6.01 5.82 3.66
N CYS A 8 -4.95 5.25 3.11
CA CYS A 8 -4.31 5.80 1.92
C CYS A 8 -5.34 5.97 0.79
N GLY A 9 -6.20 4.97 0.62
CA GLY A 9 -7.22 5.03 -0.41
C GLY A 9 -8.00 3.74 -0.53
N PRO A 10 -8.72 3.58 -1.65
CA PRO A 10 -9.52 2.39 -1.90
C PRO A 10 -8.67 1.15 -2.17
N ASN A 11 -7.51 1.36 -2.77
CA ASN A 11 -6.59 0.27 -3.08
C ASN A 11 -5.14 0.67 -2.80
N TYR A 12 -4.40 -0.23 -2.18
CA TYR A 12 -3.00 0.03 -1.86
C TYR A 12 -2.08 -0.98 -2.53
N GLY A 13 -2.55 -2.23 -2.62
CA GLY A 13 -1.76 -3.28 -3.25
C GLY A 13 -0.36 -3.36 -2.68
N CYS A 14 -0.26 -3.45 -1.37
CA CYS A 14 1.03 -3.54 -0.70
C CYS A 14 1.80 -4.78 -1.16
N GLY A 15 2.98 -4.56 -1.73
CA GLY A 15 3.79 -5.66 -2.20
C GLY A 15 4.95 -5.97 -1.27
N THR A 16 5.52 -7.17 -1.41
CA THR A 16 6.63 -7.58 -0.57
C THR A 16 7.87 -6.74 -0.86
N SER A 17 8.12 -6.47 -2.14
CA SER A 17 9.27 -5.68 -2.54
C SER A 17 9.24 -4.30 -1.88
N CYS A 18 8.04 -3.74 -1.74
CA CYS A 18 7.87 -2.43 -1.14
C CYS A 18 8.04 -2.51 0.39
N SER A 19 9.17 -1.99 0.87
CA SER A 19 9.45 -2.01 2.30
C SER A 19 8.36 -1.29 3.09
N GLY A 1 6.84 6.11 -1.81
CA GLY A 1 6.24 5.53 -0.62
C GLY A 1 5.04 4.65 -0.95
N CYS A 2 5.29 3.36 -1.12
CA CYS A 2 4.23 2.41 -1.43
C CYS A 2 3.19 2.38 -0.34
N CYS A 3 1.92 2.52 -0.72
CA CYS A 3 0.82 2.50 0.24
C CYS A 3 0.45 1.08 0.62
N CYS A 4 -0.04 0.91 1.85
CA CYS A 4 -0.43 -0.40 2.33
C CYS A 4 -1.72 -0.32 3.14
N ASN A 5 -1.82 0.70 3.98
CA ASN A 5 -3.00 0.90 4.81
C ASN A 5 -4.19 1.36 3.97
N PRO A 6 -5.41 1.12 4.48
CA PRO A 6 -6.65 1.50 3.79
C PRO A 6 -6.85 3.01 3.76
N ALA A 7 -6.42 3.69 4.83
CA ALA A 7 -6.56 5.13 4.92
C ALA A 7 -6.01 5.82 3.68
N CYS A 8 -4.95 5.25 3.11
CA CYS A 8 -4.32 5.81 1.92
C CYS A 8 -5.35 5.98 0.80
N GLY A 9 -6.20 4.97 0.63
CA GLY A 9 -7.22 5.03 -0.40
C GLY A 9 -7.99 3.73 -0.52
N PRO A 10 -8.72 3.58 -1.64
CA PRO A 10 -9.52 2.38 -1.90
C PRO A 10 -8.66 1.16 -2.17
N ASN A 11 -7.50 1.37 -2.79
CA ASN A 11 -6.59 0.29 -3.11
C ASN A 11 -5.14 0.69 -2.82
N TYR A 12 -4.40 -0.22 -2.19
CA TYR A 12 -3.01 0.04 -1.85
C TYR A 12 -2.09 -0.98 -2.51
N GLY A 13 -2.56 -2.22 -2.60
CA GLY A 13 -1.77 -3.28 -3.22
C GLY A 13 -0.37 -3.35 -2.64
N CYS A 14 -0.28 -3.45 -1.32
CA CYS A 14 1.01 -3.54 -0.64
C CYS A 14 1.80 -4.74 -1.13
N GLY A 15 3.00 -4.48 -1.66
CA GLY A 15 3.84 -5.55 -2.16
C GLY A 15 4.99 -5.86 -1.22
N THR A 16 5.66 -6.99 -1.48
CA THR A 16 6.78 -7.41 -0.65
C THR A 16 8.05 -6.64 -1.01
N SER A 17 8.22 -6.37 -2.30
CA SER A 17 9.39 -5.64 -2.77
C SER A 17 9.42 -4.22 -2.20
N CYS A 18 8.25 -3.63 -2.06
CA CYS A 18 8.13 -2.27 -1.51
C CYS A 18 8.57 -2.24 -0.05
N SER A 19 8.71 -1.03 0.49
CA SER A 19 9.12 -0.86 1.88
C SER A 19 8.00 -0.25 2.70
N GLY A 1 7.31 5.98 -0.92
CA GLY A 1 6.82 4.86 -0.15
C GLY A 1 5.56 4.26 -0.73
N CYS A 2 5.47 2.94 -0.72
CA CYS A 2 4.31 2.24 -1.25
C CYS A 2 3.18 2.19 -0.21
N CYS A 3 1.98 2.54 -0.63
CA CYS A 3 0.83 2.53 0.26
C CYS A 3 0.43 1.10 0.63
N CYS A 4 -0.02 0.92 1.86
CA CYS A 4 -0.43 -0.40 2.35
C CYS A 4 -1.72 -0.30 3.16
N ASN A 5 -1.81 0.72 4.00
CA ASN A 5 -2.99 0.92 4.83
C ASN A 5 -4.19 1.36 3.98
N PRO A 6 -5.40 1.12 4.50
CA PRO A 6 -6.64 1.49 3.81
C PRO A 6 -6.85 3.01 3.77
N ALA A 7 -6.42 3.69 4.83
CA ALA A 7 -6.57 5.13 4.91
C ALA A 7 -6.01 5.82 3.66
N CYS A 8 -4.95 5.25 3.11
CA CYS A 8 -4.31 5.80 1.92
C CYS A 8 -5.34 5.97 0.79
N GLY A 9 -6.20 4.97 0.62
CA GLY A 9 -7.22 5.03 -0.41
C GLY A 9 -7.99 3.73 -0.53
N PRO A 10 -8.72 3.58 -1.65
CA PRO A 10 -9.53 2.38 -1.90
C PRO A 10 -8.67 1.15 -2.17
N ASN A 11 -7.51 1.37 -2.78
CA ASN A 11 -6.59 0.27 -3.09
C ASN A 11 -5.15 0.68 -2.81
N TYR A 12 -4.40 -0.23 -2.18
CA TYR A 12 -3.01 0.03 -1.86
C TYR A 12 -2.09 -0.99 -2.53
N GLY A 13 -2.55 -2.23 -2.62
CA GLY A 13 -1.77 -3.28 -3.24
C GLY A 13 -0.37 -3.36 -2.68
N CYS A 14 -0.27 -3.46 -1.35
CA CYS A 14 1.02 -3.55 -0.68
C CYS A 14 1.79 -4.78 -1.16
N GLY A 15 2.98 -4.55 -1.70
CA GLY A 15 3.80 -5.65 -2.17
C GLY A 15 4.90 -6.01 -1.20
N THR A 16 5.57 -7.14 -1.46
CA THR A 16 6.65 -7.60 -0.60
C THR A 16 7.93 -6.80 -0.85
N SER A 17 8.31 -6.68 -2.11
CA SER A 17 9.51 -5.95 -2.48
C SER A 17 9.46 -4.51 -1.97
N CYS A 18 8.26 -3.94 -1.98
CA CYS A 18 8.07 -2.57 -1.52
C CYS A 18 7.17 -2.53 -0.29
N SER A 19 7.76 -2.26 0.87
CA SER A 19 7.01 -2.21 2.12
C SER A 19 5.87 -1.20 2.02
N GLY A 1 8.10 4.20 0.72
CA GLY A 1 7.39 2.94 0.66
C GLY A 1 6.02 3.09 0.03
N CYS A 2 5.56 2.04 -0.65
CA CYS A 2 4.25 2.06 -1.30
C CYS A 2 3.13 1.97 -0.27
N CYS A 3 1.98 2.53 -0.63
CA CYS A 3 0.82 2.52 0.26
C CYS A 3 0.43 1.10 0.63
N CYS A 4 -0.02 0.92 1.86
CA CYS A 4 -0.43 -0.40 2.35
C CYS A 4 -1.72 -0.31 3.16
N ASN A 5 -1.82 0.72 4.00
CA ASN A 5 -3.00 0.92 4.84
C ASN A 5 -4.18 1.37 3.99
N PRO A 6 -5.40 1.13 4.51
CA PRO A 6 -6.64 1.51 3.81
C PRO A 6 -6.85 3.01 3.77
N ALA A 7 -6.43 3.69 4.83
CA ALA A 7 -6.57 5.14 4.91
C ALA A 7 -6.01 5.82 3.66
N CYS A 8 -4.95 5.25 3.11
CA CYS A 8 -4.31 5.80 1.92
C CYS A 8 -5.34 5.97 0.79
N GLY A 9 -6.20 4.97 0.62
CA GLY A 9 -7.22 5.03 -0.41
C GLY A 9 -7.99 3.73 -0.53
N PRO A 10 -8.72 3.58 -1.65
CA PRO A 10 -9.53 2.38 -1.90
C PRO A 10 -8.67 1.15 -2.17
N ASN A 11 -7.51 1.37 -2.78
CA ASN A 11 -6.59 0.27 -3.09
C ASN A 11 -5.15 0.68 -2.81
N TYR A 12 -4.40 -0.23 -2.18
CA TYR A 12 -3.00 0.03 -1.86
C TYR A 12 -2.08 -0.98 -2.54
N GLY A 13 -2.56 -2.22 -2.63
CA GLY A 13 -1.76 -3.27 -3.26
C GLY A 13 -0.37 -3.36 -2.69
N CYS A 14 -0.27 -3.46 -1.37
CA CYS A 14 1.02 -3.55 -0.70
C CYS A 14 1.78 -4.78 -1.16
N GLY A 15 2.96 -4.56 -1.75
CA GLY A 15 3.77 -5.66 -2.22
C GLY A 15 4.94 -5.96 -1.31
N THR A 16 5.70 -7.01 -1.63
CA THR A 16 6.85 -7.40 -0.83
C THR A 16 8.03 -6.47 -1.11
N SER A 17 8.27 -6.18 -2.38
CA SER A 17 9.38 -5.31 -2.76
C SER A 17 9.21 -3.91 -2.19
N CYS A 18 7.96 -3.46 -2.13
CA CYS A 18 7.66 -2.13 -1.60
C CYS A 18 7.87 -2.08 -0.09
N SER A 19 8.88 -1.33 0.34
CA SER A 19 9.19 -1.20 1.75
C SER A 19 8.07 -0.47 2.49
N GLY A 1 7.50 6.00 -1.39
CA GLY A 1 6.72 5.40 -0.34
C GLY A 1 5.49 4.67 -0.86
N CYS A 2 5.47 3.35 -0.70
CA CYS A 2 4.35 2.54 -1.16
C CYS A 2 3.23 2.52 -0.13
N CYS A 3 1.99 2.54 -0.61
CA CYS A 3 0.83 2.53 0.27
C CYS A 3 0.44 1.10 0.64
N CYS A 4 -0.02 0.92 1.88
CA CYS A 4 -0.43 -0.40 2.35
C CYS A 4 -1.72 -0.30 3.17
N ASN A 5 -1.82 0.72 4.00
CA ASN A 5 -2.99 0.93 4.84
C ASN A 5 -4.18 1.37 3.99
N PRO A 6 -5.40 1.13 4.51
CA PRO A 6 -6.63 1.50 3.82
C PRO A 6 -6.85 3.01 3.77
N ALA A 7 -6.43 3.70 4.83
CA ALA A 7 -6.57 5.14 4.91
C ALA A 7 -6.02 5.82 3.66
N CYS A 8 -4.95 5.25 3.11
CA CYS A 8 -4.31 5.80 1.92
C CYS A 8 -5.33 5.97 0.80
N GLY A 9 -6.20 4.97 0.62
CA GLY A 9 -7.22 5.03 -0.41
C GLY A 9 -7.99 3.73 -0.53
N PRO A 10 -8.72 3.58 -1.65
CA PRO A 10 -9.53 2.38 -1.91
C PRO A 10 -8.67 1.15 -2.17
N ASN A 11 -7.51 1.36 -2.77
CA ASN A 11 -6.59 0.27 -3.08
C ASN A 11 -5.14 0.67 -2.80
N TYR A 12 -4.40 -0.23 -2.18
CA TYR A 12 -3.00 0.03 -1.86
C TYR A 12 -2.08 -0.98 -2.55
N GLY A 13 -2.56 -2.22 -2.63
CA GLY A 13 -1.76 -3.27 -3.26
C GLY A 13 -0.37 -3.37 -2.70
N CYS A 14 -0.27 -3.46 -1.37
CA CYS A 14 1.03 -3.54 -0.71
C CYS A 14 1.79 -4.79 -1.16
N GLY A 15 2.98 -4.58 -1.73
CA GLY A 15 3.78 -5.69 -2.19
C GLY A 15 4.92 -6.02 -1.24
N THR A 16 5.62 -7.12 -1.52
CA THR A 16 6.72 -7.55 -0.68
C THR A 16 7.97 -6.69 -0.92
N SER A 17 8.21 -6.37 -2.19
CA SER A 17 9.37 -5.55 -2.55
C SER A 17 9.29 -4.18 -1.90
N CYS A 18 8.08 -3.64 -1.80
CA CYS A 18 7.86 -2.34 -1.19
C CYS A 18 8.04 -2.40 0.32
N SER A 19 7.56 -3.48 0.92
CA SER A 19 7.66 -3.66 2.37
C SER A 19 9.12 -3.76 2.80
N GLY A 1 6.81 6.54 -0.33
CA GLY A 1 6.72 5.14 0.01
C GLY A 1 5.45 4.49 -0.52
N CYS A 2 5.49 3.16 -0.68
CA CYS A 2 4.34 2.42 -1.18
C CYS A 2 3.22 2.39 -0.15
N CYS A 3 1.99 2.54 -0.62
CA CYS A 3 0.83 2.53 0.27
C CYS A 3 0.43 1.10 0.63
N CYS A 4 -0.02 0.92 1.88
CA CYS A 4 -0.43 -0.40 2.35
C CYS A 4 -1.72 -0.31 3.16
N ASN A 5 -1.81 0.72 4.00
CA ASN A 5 -2.99 0.92 4.83
C ASN A 5 -4.18 1.37 3.98
N PRO A 6 -5.40 1.12 4.50
CA PRO A 6 -6.63 1.50 3.81
C PRO A 6 -6.85 3.01 3.77
N ALA A 7 -6.42 3.69 4.83
CA ALA A 7 -6.57 5.13 4.91
C ALA A 7 -6.01 5.82 3.66
N CYS A 8 -4.95 5.25 3.11
CA CYS A 8 -4.32 5.80 1.91
C CYS A 8 -5.34 5.97 0.79
N GLY A 9 -6.20 4.97 0.62
CA GLY A 9 -7.22 5.03 -0.41
C GLY A 9 -7.99 3.73 -0.53
N PRO A 10 -8.72 3.58 -1.65
CA PRO A 10 -9.53 2.38 -1.90
C PRO A 10 -8.67 1.15 -2.17
N ASN A 11 -7.51 1.37 -2.78
CA ASN A 11 -6.59 0.27 -3.09
C ASN A 11 -5.15 0.68 -2.81
N TYR A 12 -4.40 -0.23 -2.18
CA TYR A 12 -3.01 0.03 -1.86
C TYR A 12 -2.09 -0.99 -2.53
N GLY A 13 -2.55 -2.23 -2.62
CA GLY A 13 -1.77 -3.28 -3.24
C GLY A 13 -0.37 -3.37 -2.68
N CYS A 14 -0.27 -3.45 -1.36
CA CYS A 14 1.02 -3.55 -0.70
C CYS A 14 1.79 -4.78 -1.16
N GLY A 15 2.98 -4.56 -1.73
CA GLY A 15 3.78 -5.66 -2.21
C GLY A 15 4.84 -6.07 -1.20
N THR A 16 5.45 -7.23 -1.44
CA THR A 16 6.48 -7.74 -0.54
C THR A 16 7.80 -7.00 -0.73
N SER A 17 8.14 -6.71 -1.99
CA SER A 17 9.37 -6.00 -2.30
C SER A 17 9.38 -4.62 -1.66
N CYS A 18 8.21 -3.99 -1.60
CA CYS A 18 8.09 -2.66 -1.01
C CYS A 18 7.27 -2.72 0.28
N SER A 19 7.96 -2.64 1.41
CA SER A 19 7.31 -2.68 2.71
C SER A 19 8.03 -1.79 3.72
#